data_1FIW
#
_entry.id   1FIW
#
_cell.length_a   105.288
_cell.length_b   105.288
_cell.length_c   120.835
_cell.angle_alpha   90.00
_cell.angle_beta   90.00
_cell.angle_gamma   120.00
#
_symmetry.space_group_name_H-M   'P 65 2 2'
#
loop_
_entity.id
_entity.type
_entity.pdbx_description
1 polymer 'BETA-ACROSIN HEAVY CHAIN'
2 polymer 'BETA-ACROSIN LIGHT CHAIN'
3 branched alpha-D-mannopyranose-(1-6)-beta-D-mannopyranose-(1-4)-2-acetamido-2-deoxy-beta-D-glucopyranose-(1-4)-[beta-L-fucopyranose-(1-6)]2-acetamido-2-deoxy-beta-D-glucopyranose
4 non-polymer 'P-AMINO BENZAMIDINE'
5 water water
#
loop_
_entity_poly.entity_id
_entity_poly.type
_entity_poly.pdbx_seq_one_letter_code
_entity_poly.pdbx_strand_id
1 'polypeptide(L)'
;IIGGQDAAHGAWPWMVSLQIFTYHNNRRYHVCGGSLLNSQWLLTAAHCFRIKKKVTDWRLIFGAKEVEWGTNKPVKPPLQ
ERYVEKIIIHEKYSASSEANDIALMKITPPVTCGHFIGPGCLPQFRAGPPRVPQTCWVAGWGFLQENARRTSPMLQEARV
DLIDLGLCNSTRWYNGRIRSTNVCAGYPEGKIDTCQGDSGGPLMCKDSAENSYVVVGITSWGVGCARAKRPGVYTSTWSY
LNWIASKIGSTAVHMIQLPTASPASTPGAQASSGSVQPSVRPPWFFQQIT
;
A
2 'polypeptide(L)' DNTTCDGPCGVRFRQNRQGGVR L
#
# COMPACT_ATOMS: atom_id res chain seq x y z
N ILE A 1 -4.24 8.74 -6.76
CA ILE A 1 -4.01 9.90 -5.85
C ILE A 1 -4.36 11.25 -6.50
N ILE A 2 -5.19 12.01 -5.80
CA ILE A 2 -5.68 13.29 -6.22
C ILE A 2 -4.93 14.40 -5.56
N GLY A 3 -4.52 15.41 -6.33
CA GLY A 3 -3.88 16.60 -5.74
C GLY A 3 -2.46 16.41 -5.19
N GLY A 4 -1.75 15.38 -5.64
CA GLY A 4 -0.41 15.16 -5.18
C GLY A 4 0.63 15.45 -6.22
N GLN A 5 1.79 14.79 -6.16
CA GLN A 5 2.85 15.13 -7.10
C GLN A 5 3.49 13.82 -7.67
N ASP A 6 4.23 13.92 -8.76
CA ASP A 6 4.92 12.77 -9.30
C ASP A 6 6.00 12.38 -8.34
N ALA A 7 6.07 11.12 -8.00
CA ALA A 7 7.19 10.64 -7.23
C ALA A 7 8.52 10.54 -8.08
N ALA A 8 9.67 10.67 -7.40
CA ALA A 8 10.99 10.56 -8.03
C ALA A 8 11.30 9.07 -8.16
N HIS A 9 12.08 8.75 -9.18
CA HIS A 9 12.46 7.36 -9.40
C HIS A 9 13.17 6.92 -8.15
N GLY A 10 12.80 5.79 -7.58
CA GLY A 10 13.44 5.33 -6.38
C GLY A 10 12.92 5.91 -5.05
N ALA A 11 11.99 6.86 -5.13
CA ALA A 11 11.47 7.45 -3.88
C ALA A 11 10.80 6.46 -2.86
N TRP A 12 10.08 5.47 -3.33
CA TRP A 12 9.38 4.57 -2.46
C TRP A 12 9.63 3.17 -2.99
N PRO A 13 10.82 2.63 -2.74
CA PRO A 13 11.21 1.36 -3.40
C PRO A 13 10.38 0.22 -2.90
N TRP A 14 9.53 0.39 -1.90
CA TRP A 14 8.69 -0.77 -1.58
C TRP A 14 7.39 -0.81 -2.33
N MET A 15 7.10 0.19 -3.17
CA MET A 15 5.85 0.20 -3.87
C MET A 15 5.77 -0.96 -4.86
N VAL A 16 4.63 -1.62 -4.92
CA VAL A 16 4.46 -2.66 -5.94
C VAL A 16 3.16 -2.33 -6.70
N SER A 17 3.17 -2.54 -8.02
CA SER A 17 1.98 -2.32 -8.78
C SER A 17 1.39 -3.70 -9.00
N LEU A 18 0.15 -3.88 -8.53
CA LEU A 18 -0.55 -5.13 -8.65
C LEU A 18 -1.42 -4.96 -9.89
N GLN A 19 -1.20 -5.81 -10.90
CA GLN A 19 -1.87 -5.67 -12.20
C GLN A 19 -2.63 -6.91 -12.59
N ILE A 20 -3.88 -6.63 -12.96
CA ILE A 20 -4.73 -7.64 -13.56
C ILE A 20 -4.18 -8.00 -14.93
N PHE A 21 -4.12 -9.28 -15.17
CA PHE A 21 -3.57 -9.82 -16.40
C PHE A 21 -4.72 -10.45 -17.12
N THR A 22 -5.08 -9.90 -18.27
CA THR A 22 -6.15 -10.48 -19.08
C THR A 22 -5.49 -11.49 -20.01
N TYR A 23 -5.68 -12.76 -19.65
CA TYR A 23 -5.01 -13.88 -20.30
C TYR A 23 -5.33 -14.10 -21.78
N HIS A 24 -6.47 -13.60 -22.24
CA HIS A 24 -6.76 -13.75 -23.65
C HIS A 24 -5.80 -12.99 -24.59
N ASN A 25 -5.19 -11.91 -24.08
CA ASN A 25 -4.31 -11.11 -24.92
C ASN A 25 -3.02 -10.67 -24.25
N ASN A 26 -2.68 -11.31 -23.13
CA ASN A 26 -1.51 -10.98 -22.32
C ASN A 26 -1.31 -9.56 -21.93
N ARG A 27 -2.36 -8.77 -21.86
CA ARG A 27 -2.26 -7.38 -21.42
C ARG A 27 -2.37 -7.24 -19.88
N ARG A 28 -1.77 -6.18 -19.31
CA ARG A 28 -1.83 -5.94 -17.88
C ARG A 28 -2.24 -4.52 -17.56
N TYR A 29 -3.01 -4.38 -16.49
CA TYR A 29 -3.56 -3.08 -16.08
C TYR A 29 -3.33 -2.88 -14.56
N HIS A 30 -2.68 -1.80 -14.18
CA HIS A 30 -2.54 -1.49 -12.79
C HIS A 30 -3.92 -1.41 -12.13
N VAL A 31 -4.09 -2.13 -11.04
CA VAL A 31 -5.35 -2.14 -10.36
C VAL A 31 -5.20 -1.71 -8.89
N CYS A 32 -4.17 -2.20 -8.19
CA CYS A 32 -4.04 -1.94 -6.78
C CYS A 32 -2.58 -1.75 -6.47
N GLY A 33 -2.26 -1.19 -5.32
CA GLY A 33 -0.91 -1.12 -4.86
C GLY A 33 -0.66 -2.17 -3.77
N GLY A 34 0.62 -2.26 -3.39
CA GLY A 34 1.08 -3.14 -2.36
C GLY A 34 2.42 -2.64 -1.84
N SER A 35 2.83 -3.17 -0.69
CA SER A 35 4.14 -2.85 -0.13
C SER A 35 4.99 -4.10 0.05
N LEU A 36 6.22 -4.06 -0.47
CA LEU A 36 7.24 -5.13 -0.31
C LEU A 36 7.81 -5.28 1.15
N LEU A 37 7.67 -6.51 1.65
CA LEU A 37 8.11 -6.84 3.00
C LEU A 37 9.43 -7.57 2.96
N ASN A 38 9.57 -8.55 2.08
CA ASN A 38 10.90 -9.23 1.87
C ASN A 38 10.90 -9.83 0.46
N SER A 39 11.82 -10.72 0.10
CA SER A 39 11.91 -11.15 -1.30
C SER A 39 10.70 -11.92 -1.74
N GLN A 40 9.98 -12.49 -0.79
CA GLN A 40 8.86 -13.34 -1.18
C GLN A 40 7.43 -12.90 -0.78
N TRP A 41 7.31 -11.74 -0.17
CA TRP A 41 6.03 -11.33 0.39
C TRP A 41 5.81 -9.81 0.31
N LEU A 42 4.55 -9.42 0.00
CA LEU A 42 4.15 -8.00 0.01
C LEU A 42 2.75 -7.92 0.73
N LEU A 43 2.45 -6.73 1.26
CA LEU A 43 1.27 -6.44 2.02
C LEU A 43 0.35 -5.56 1.22
N THR A 44 -0.95 -5.89 1.20
CA THR A 44 -1.89 -5.15 0.33
C THR A 44 -3.31 -5.19 0.94
N ALA A 45 -4.34 -4.83 0.19
CA ALA A 45 -5.73 -4.86 0.66
C ALA A 45 -6.51 -6.10 0.18
N ALA A 46 -7.19 -6.75 1.13
CA ALA A 46 -8.06 -7.87 0.76
C ALA A 46 -9.09 -7.55 -0.31
N HIS A 47 -9.77 -6.38 -0.21
CA HIS A 47 -10.84 -6.12 -1.15
C HIS A 47 -10.36 -6.10 -2.63
N CYS A 48 -9.02 -5.94 -2.86
CA CYS A 48 -8.53 -5.96 -4.22
C CYS A 48 -8.80 -7.29 -4.90
N PHE A 49 -9.03 -8.34 -4.12
CA PHE A 49 -9.24 -9.69 -4.67
C PHE A 49 -10.72 -10.12 -4.73
N ARG A 50 -11.64 -9.20 -4.56
CA ARG A 50 -13.00 -9.72 -4.55
C ARG A 50 -13.47 -10.41 -5.83
N ILE A 51 -13.08 -9.89 -6.99
CA ILE A 51 -13.37 -10.51 -8.27
C ILE A 51 -12.24 -11.41 -8.81
N LYS A 52 -10.99 -10.91 -8.91
CA LYS A 52 -9.84 -11.75 -9.37
C LYS A 52 -9.20 -12.55 -8.25
N LYS A 53 -9.72 -13.74 -7.95
CA LYS A 53 -9.24 -14.48 -6.76
C LYS A 53 -8.16 -15.54 -7.02
N LYS A 54 -7.81 -15.68 -8.29
CA LYS A 54 -6.86 -16.69 -8.73
C LYS A 54 -5.45 -16.13 -8.90
N VAL A 55 -4.47 -16.93 -8.54
CA VAL A 55 -3.11 -16.45 -8.63
C VAL A 55 -2.77 -16.03 -10.06
N THR A 56 -3.39 -16.67 -11.06
CA THR A 56 -3.16 -16.34 -12.51
C THR A 56 -3.81 -15.02 -13.01
N ASP A 57 -4.59 -14.37 -12.16
CA ASP A 57 -5.25 -13.15 -12.57
C ASP A 57 -4.32 -11.94 -12.51
N TRP A 58 -3.15 -12.12 -11.89
CA TRP A 58 -2.28 -11.02 -11.59
C TRP A 58 -0.79 -11.08 -12.11
N ARG A 59 -0.17 -9.91 -12.30
CA ARG A 59 1.28 -9.77 -12.46
C ARG A 59 1.65 -8.80 -11.36
N LEU A 60 2.85 -8.93 -10.84
CA LEU A 60 3.30 -8.02 -9.81
C LEU A 60 4.48 -7.26 -10.36
N ILE A 61 4.47 -5.95 -10.25
CA ILE A 61 5.47 -5.16 -10.92
C ILE A 61 6.30 -4.37 -9.80
N PHE A 62 7.63 -4.55 -9.79
CA PHE A 62 8.45 -3.92 -8.74
C PHE A 62 9.38 -2.86 -9.34
N GLY A 63 9.91 -1.84 -8.68
CA GLY A 63 10.91 -0.84 -9.01
C GLY A 63 10.41 0.09 -10.06
N ALA A 64 9.09 0.22 -10.18
CA ALA A 64 8.58 1.05 -11.19
C ALA A 64 8.37 2.50 -10.76
N LYS A 65 8.48 3.39 -11.73
CA LYS A 65 8.11 4.79 -11.59
C LYS A 65 6.83 4.91 -12.45
N GLU A 66 6.89 4.42 -13.71
CA GLU A 66 5.79 4.53 -14.64
C GLU A 66 5.30 3.14 -14.95
N VAL A 67 4.01 2.99 -15.15
CA VAL A 67 3.52 1.69 -15.59
C VAL A 67 2.68 1.98 -16.81
N GLU A 68 2.66 1.04 -17.73
CA GLU A 68 1.97 1.28 -18.98
C GLU A 68 0.66 0.54 -19.06
N TRP A 69 -0.40 1.30 -19.11
CA TRP A 69 -1.72 0.77 -19.13
C TRP A 69 -1.85 -0.17 -20.31
N GLY A 70 -2.25 -1.43 -20.07
CA GLY A 70 -2.59 -2.27 -21.19
C GLY A 70 -1.44 -2.88 -21.94
N THR A 71 -0.21 -2.67 -21.50
CA THR A 71 0.90 -3.26 -22.20
C THR A 71 0.90 -4.80 -22.19
N ASN A 72 1.44 -5.34 -23.26
CA ASN A 72 1.52 -6.80 -23.44
C ASN A 72 2.99 -7.23 -23.47
N LYS A 73 3.87 -6.27 -23.18
CA LYS A 73 5.32 -6.45 -23.11
C LYS A 73 5.78 -6.67 -21.68
N PRO A 74 6.84 -7.42 -21.46
CA PRO A 74 7.35 -7.56 -20.10
C PRO A 74 8.12 -6.28 -19.79
N VAL A 75 8.52 -6.14 -18.54
CA VAL A 75 9.21 -4.95 -18.13
C VAL A 75 10.69 -4.97 -18.44
N LYS A 76 11.32 -3.85 -18.19
CA LYS A 76 12.73 -3.73 -18.47
C LYS A 76 13.55 -3.45 -17.24
N PRO A 77 14.70 -4.10 -17.20
CA PRO A 77 15.69 -3.82 -16.18
C PRO A 77 15.66 -2.34 -16.01
N PRO A 78 15.69 -1.82 -14.79
CA PRO A 78 15.79 -2.62 -13.57
C PRO A 78 14.43 -3.03 -12.97
N LEU A 79 13.31 -2.67 -13.59
CA LEU A 79 12.02 -3.15 -13.07
C LEU A 79 12.01 -4.68 -13.03
N GLN A 80 11.18 -5.23 -12.14
CA GLN A 80 11.05 -6.65 -12.07
C GLN A 80 9.55 -7.01 -12.14
N GLU A 81 9.26 -8.11 -12.83
CA GLU A 81 7.90 -8.62 -12.88
C GLU A 81 7.89 -9.99 -12.29
N ARG A 82 6.90 -10.27 -11.47
CA ARG A 82 6.78 -11.56 -10.83
C ARG A 82 5.32 -12.07 -10.86
N TYR A 83 5.21 -13.38 -10.65
CA TYR A 83 3.96 -14.13 -10.58
C TYR A 83 3.58 -14.11 -9.09
N VAL A 84 2.32 -14.40 -8.83
CA VAL A 84 1.81 -14.59 -7.50
C VAL A 84 1.77 -16.10 -7.22
N GLU A 85 2.26 -16.49 -6.06
CA GLU A 85 2.26 -17.85 -5.61
C GLU A 85 1.03 -18.11 -4.75
N LYS A 86 0.66 -17.10 -3.95
CA LYS A 86 -0.46 -17.33 -3.06
C LYS A 86 -1.04 -16.02 -2.62
N ILE A 87 -2.37 -15.99 -2.48
CA ILE A 87 -3.05 -14.82 -1.95
C ILE A 87 -3.65 -15.18 -0.59
N ILE A 88 -3.18 -14.51 0.47
CA ILE A 88 -3.70 -14.77 1.81
C ILE A 88 -4.57 -13.57 2.31
N ILE A 89 -5.89 -13.81 2.35
CA ILE A 89 -6.87 -12.82 2.74
C ILE A 89 -7.16 -13.04 4.24
N HIS A 90 -7.21 -11.96 5.02
CA HIS A 90 -7.49 -12.13 6.41
C HIS A 90 -8.80 -12.94 6.57
N GLU A 91 -8.78 -13.91 7.47
CA GLU A 91 -9.91 -14.82 7.70
C GLU A 91 -11.17 -14.07 8.20
N LYS A 92 -10.98 -12.86 8.73
CA LYS A 92 -12.06 -12.05 9.28
C LYS A 92 -12.42 -10.86 8.38
N TYR A 93 -12.01 -10.95 7.14
CA TYR A 93 -12.30 -9.89 6.22
C TYR A 93 -13.79 -9.87 5.87
N SER A 94 -14.41 -8.73 5.88
CA SER A 94 -15.81 -8.66 5.53
C SER A 94 -15.99 -7.53 4.53
N ALA A 95 -16.38 -7.84 3.29
CA ALA A 95 -16.61 -6.78 2.31
C ALA A 95 -17.69 -5.78 2.68
N SER A 96 -18.73 -6.18 3.38
CA SER A 96 -19.78 -5.19 3.64
C SER A 96 -19.33 -4.07 4.57
N SER A 97 -18.51 -4.36 5.59
CA SER A 97 -18.03 -3.31 6.44
C SER A 97 -16.60 -2.90 6.05
N GLU A 98 -15.97 -3.65 5.17
CA GLU A 98 -14.53 -3.48 4.89
C GLU A 98 -13.74 -3.73 6.18
N ALA A 99 -14.21 -4.61 7.07
CA ALA A 99 -13.49 -4.91 8.28
C ALA A 99 -12.26 -5.81 7.94
N ASN A 100 -11.12 -5.57 8.57
CA ASN A 100 -9.90 -6.38 8.35
C ASN A 100 -9.56 -6.46 6.85
N ASP A 101 -9.53 -5.31 6.19
CA ASP A 101 -9.22 -5.24 4.77
C ASP A 101 -7.67 -5.37 4.62
N ILE A 102 -7.18 -6.60 4.67
CA ILE A 102 -5.73 -6.81 4.59
C ILE A 102 -5.44 -8.20 4.07
N ALA A 103 -4.43 -8.29 3.20
CA ALA A 103 -3.99 -9.57 2.66
C ALA A 103 -2.48 -9.60 2.40
N LEU A 104 -1.98 -10.80 2.18
CA LEU A 104 -0.56 -11.01 1.88
C LEU A 104 -0.50 -11.71 0.55
N MET A 105 0.48 -11.32 -0.25
CA MET A 105 0.74 -12.06 -1.47
C MET A 105 2.09 -12.63 -1.39
N LYS A 106 2.18 -13.89 -1.74
CA LYS A 106 3.47 -14.58 -1.77
C LYS A 106 4.01 -14.39 -3.20
N ILE A 107 5.23 -13.91 -3.37
CA ILE A 107 5.77 -13.65 -4.71
C ILE A 107 6.63 -14.74 -5.25
N THR A 108 6.56 -15.04 -6.55
CA THR A 108 7.47 -16.06 -7.11
C THR A 108 7.87 -15.77 -8.54
N PRO A 109 9.11 -16.03 -8.88
CA PRO A 109 10.18 -16.40 -7.92
C PRO A 109 10.51 -15.19 -6.97
N PRO A 110 11.43 -15.32 -6.02
CA PRO A 110 11.67 -14.22 -5.07
C PRO A 110 12.21 -13.00 -5.79
N VAL A 111 11.77 -11.84 -5.33
CA VAL A 111 12.24 -10.58 -5.86
C VAL A 111 13.65 -10.36 -5.37
N THR A 112 14.45 -9.64 -6.14
CA THR A 112 15.80 -9.21 -5.65
C THR A 112 15.86 -7.70 -5.39
N CYS A 113 16.30 -7.30 -4.20
CA CYS A 113 16.37 -5.90 -3.87
C CYS A 113 17.57 -5.18 -4.47
N GLY A 114 17.47 -3.86 -4.53
CA GLY A 114 18.59 -3.06 -5.03
C GLY A 114 18.28 -1.58 -4.99
N HIS A 115 18.82 -0.85 -5.97
CA HIS A 115 18.63 0.59 -6.01
C HIS A 115 17.16 1.10 -6.03
N PHE A 116 16.23 0.35 -6.64
CA PHE A 116 14.84 0.79 -6.87
C PHE A 116 13.75 -0.07 -6.23
N ILE A 117 14.22 -1.05 -5.48
CA ILE A 117 13.37 -2.09 -4.91
C ILE A 117 13.83 -2.42 -3.54
N GLY A 118 12.97 -2.32 -2.53
CA GLY A 118 13.47 -2.61 -1.17
C GLY A 118 12.29 -2.68 -0.20
N PRO A 119 12.49 -3.32 0.95
CA PRO A 119 11.39 -3.58 1.90
C PRO A 119 10.96 -2.34 2.65
N GLY A 120 9.70 -2.31 3.02
CA GLY A 120 9.30 -1.23 3.91
C GLY A 120 9.50 -1.70 5.33
N CYS A 121 9.22 -0.81 6.28
CA CYS A 121 9.17 -1.20 7.68
C CYS A 121 7.71 -1.28 8.17
N LEU A 122 7.50 -2.14 9.15
CA LEU A 122 6.25 -2.26 9.89
C LEU A 122 6.46 -1.67 11.26
N PRO A 123 5.35 -1.29 11.90
CA PRO A 123 5.42 -0.72 13.25
C PRO A 123 5.95 -1.71 14.23
N GLN A 124 6.58 -1.19 15.29
CA GLN A 124 7.00 -1.98 16.42
C GLN A 124 5.81 -2.56 17.16
N PHE A 125 5.98 -3.72 17.79
CA PHE A 125 4.92 -4.34 18.54
C PHE A 125 4.42 -3.36 19.60
N ARG A 126 5.32 -2.51 20.10
CA ARG A 126 4.97 -1.53 21.13
C ARG A 126 4.35 -0.20 20.62
N ALA A 127 4.33 0.01 19.29
CA ALA A 127 3.98 1.30 18.77
C ALA A 127 2.57 1.83 19.15
N GLY A 128 1.60 0.93 19.12
CA GLY A 128 0.19 1.26 19.22
C GLY A 128 -0.34 1.96 17.97
N PRO A 129 -1.60 2.36 18.00
CA PRO A 129 -2.19 3.10 16.88
C PRO A 129 -1.36 4.34 16.60
N PRO A 130 -1.22 4.77 15.35
CA PRO A 130 -0.46 6.01 15.10
C PRO A 130 -1.11 7.25 15.70
N ARG A 131 -0.31 8.21 16.13
CA ARG A 131 -0.84 9.33 16.93
C ARG A 131 -0.89 10.64 16.15
N VAL A 132 -2.07 11.41 16.49
CA VAL A 132 -2.17 12.72 15.90
C VAL A 132 -1.61 13.68 16.90
N PRO A 133 -1.10 14.79 16.40
CA PRO A 133 -1.02 15.06 14.95
C PRO A 133 0.31 14.58 14.26
N GLN A 134 0.22 14.26 12.96
CA GLN A 134 1.40 13.91 12.19
C GLN A 134 1.15 14.23 10.71
N THR A 135 2.21 14.45 9.95
CA THR A 135 2.08 14.58 8.53
C THR A 135 2.73 13.33 8.00
N CYS A 136 1.96 12.51 7.27
CA CYS A 136 2.48 11.24 6.70
C CYS A 136 2.39 11.32 5.18
N TRP A 137 2.66 10.23 4.44
CA TRP A 137 2.67 10.27 2.97
C TRP A 137 1.88 9.06 2.47
N VAL A 138 1.20 9.22 1.33
CA VAL A 138 0.76 8.05 0.63
C VAL A 138 1.37 8.06 -0.77
N ALA A 139 1.40 6.91 -1.39
CA ALA A 139 1.86 6.84 -2.77
C ALA A 139 1.03 5.83 -3.51
N GLY A 140 0.99 5.94 -4.82
CA GLY A 140 0.26 5.00 -5.64
C GLY A 140 -0.05 5.48 -7.04
N TRP A 141 -0.55 4.55 -7.85
CA TRP A 141 -0.90 4.85 -9.25
C TRP A 141 -2.41 4.93 -9.44
N GLY A 142 -3.11 5.17 -8.34
CA GLY A 142 -4.55 5.37 -8.42
C GLY A 142 -5.01 6.56 -9.28
N PHE A 143 -6.31 6.65 -9.46
CA PHE A 143 -6.93 7.80 -10.15
C PHE A 143 -6.39 9.19 -9.69
N LEU A 144 -6.22 10.05 -10.66
CA LEU A 144 -5.77 11.43 -10.52
C LEU A 144 -7.00 12.36 -10.31
N GLN A 145 -8.19 11.88 -10.66
CA GLN A 145 -9.42 12.62 -10.43
C GLN A 145 -10.48 11.61 -10.08
N GLU A 146 -11.41 12.01 -9.23
CA GLU A 146 -12.44 11.07 -8.83
C GLU A 146 -13.03 10.37 -10.03
N ASN A 147 -13.25 11.12 -11.08
CA ASN A 147 -13.93 10.56 -12.23
C ASN A 147 -12.98 10.08 -13.32
N ALA A 148 -11.73 9.77 -12.98
CA ALA A 148 -10.79 9.47 -14.05
C ALA A 148 -11.23 8.20 -14.73
N ARG A 149 -10.75 8.03 -15.97
CA ARG A 149 -11.10 6.86 -16.76
C ARG A 149 -10.08 5.76 -16.60
N ARG A 150 -8.86 6.15 -16.24
CA ARG A 150 -7.72 5.25 -16.03
C ARG A 150 -6.81 5.67 -14.81
N THR A 151 -6.18 4.67 -14.21
CA THR A 151 -5.15 4.90 -13.25
C THR A 151 -4.08 5.80 -13.86
N SER A 152 -3.18 6.24 -13.01
CA SER A 152 -2.16 7.20 -13.38
C SER A 152 -0.96 6.41 -13.88
N PRO A 153 -0.41 6.78 -15.03
CA PRO A 153 0.83 6.11 -15.50
C PRO A 153 2.00 6.39 -14.58
N MET A 154 2.11 7.62 -14.02
CA MET A 154 3.23 7.97 -13.14
C MET A 154 2.86 7.81 -11.67
N LEU A 155 3.77 7.19 -10.91
CA LEU A 155 3.54 6.98 -9.52
C LEU A 155 3.35 8.38 -8.85
N GLN A 156 2.32 8.48 -8.01
CA GLN A 156 2.05 9.73 -7.32
C GLN A 156 2.42 9.67 -5.87
N GLU A 157 2.63 10.83 -5.27
CA GLU A 157 2.87 10.85 -3.83
C GLU A 157 2.13 12.06 -3.28
N ALA A 158 1.75 11.97 -2.02
CA ALA A 158 1.18 13.14 -1.36
C ALA A 158 1.31 13.05 0.13
N ARG A 159 1.54 14.20 0.74
CA ARG A 159 1.53 14.36 2.15
C ARG A 159 0.05 14.39 2.54
N VAL A 160 -0.28 13.72 3.66
CA VAL A 160 -1.64 13.74 4.19
C VAL A 160 -1.53 13.77 5.73
N ASP A 161 -2.42 14.49 6.39
CA ASP A 161 -2.36 14.53 7.82
C ASP A 161 -3.15 13.35 8.42
N LEU A 162 -2.69 12.79 9.53
CA LEU A 162 -3.46 11.79 10.18
C LEU A 162 -4.72 12.52 10.78
N ILE A 163 -5.84 11.84 10.75
CA ILE A 163 -7.08 12.36 11.29
C ILE A 163 -7.42 11.42 12.45
N ASP A 164 -7.75 12.00 13.59
CA ASP A 164 -8.14 11.24 14.79
C ASP A 164 -9.40 10.37 14.54
N LEU A 165 -9.39 9.12 14.97
CA LEU A 165 -10.50 8.26 14.64
C LEU A 165 -11.85 8.81 15.13
N GLY A 166 -11.90 9.52 16.26
CA GLY A 166 -13.20 10.00 16.78
C GLY A 166 -13.79 11.02 15.82
N LEU A 167 -12.93 11.89 15.27
CA LEU A 167 -13.34 12.92 14.30
C LEU A 167 -13.75 12.21 12.99
N CYS A 168 -12.89 11.31 12.57
CA CYS A 168 -13.18 10.55 11.37
C CYS A 168 -14.51 9.79 11.47
N ASN A 169 -14.86 9.29 12.64
CA ASN A 169 -16.04 8.47 12.82
C ASN A 169 -17.28 9.30 13.18
N SER A 170 -17.15 10.61 13.22
CA SER A 170 -18.21 11.43 13.81
C SER A 170 -19.38 11.64 12.83
N THR A 171 -20.41 12.28 13.35
CA THR A 171 -21.65 12.47 12.63
C THR A 171 -21.56 13.06 11.23
N ARG A 172 -20.85 14.16 11.06
CA ARG A 172 -20.83 14.67 9.75
C ARG A 172 -19.62 14.20 8.93
N TRP A 173 -18.94 13.17 9.43
CA TRP A 173 -17.81 12.57 8.70
C TRP A 173 -18.26 11.15 8.31
N TYR A 174 -17.64 10.07 8.81
CA TYR A 174 -18.04 8.78 8.32
C TYR A 174 -19.18 8.14 9.12
N ASN A 175 -19.50 8.84 10.22
CA ASN A 175 -20.67 8.65 11.09
C ASN A 175 -20.94 7.22 11.49
N GLY A 176 -19.95 6.55 12.11
CA GLY A 176 -20.10 5.21 12.59
C GLY A 176 -19.41 4.08 11.86
N ARG A 177 -18.95 4.32 10.64
CA ARG A 177 -18.29 3.26 9.86
C ARG A 177 -16.78 3.03 10.04
N ILE A 178 -16.14 3.77 10.94
CA ILE A 178 -14.74 3.62 11.20
C ILE A 178 -14.55 2.61 12.37
N ARG A 179 -13.60 1.71 12.18
CA ARG A 179 -13.20 0.72 13.22
C ARG A 179 -11.87 1.08 13.88
N SER A 180 -11.66 0.49 15.06
CA SER A 180 -10.48 0.77 15.85
C SER A 180 -9.21 0.22 15.17
N THR A 181 -9.37 -0.61 14.14
CA THR A 181 -8.25 -1.19 13.39
C THR A 181 -8.04 -0.36 12.10
N ASN A 182 -8.68 0.82 12.03
CA ASN A 182 -8.51 1.74 10.94
C ASN A 182 -7.57 2.88 11.32
N VAL A 183 -7.09 3.60 10.32
CA VAL A 183 -6.43 4.85 10.50
C VAL A 183 -7.07 5.71 9.46
N CYS A 184 -7.25 6.96 9.77
CA CYS A 184 -7.72 7.86 8.76
C CYS A 184 -6.71 8.94 8.50
N ALA A 185 -6.68 9.41 7.26
CA ALA A 185 -5.70 10.42 6.91
C ALA A 185 -6.22 11.29 5.78
N GLY A 186 -5.82 12.55 5.75
CA GLY A 186 -6.25 13.43 4.64
C GLY A 186 -6.37 14.85 5.22
N TYR A 187 -7.39 15.61 4.82
CA TYR A 187 -7.61 17.00 5.28
C TYR A 187 -9.14 17.22 5.31
N PRO A 188 -9.62 17.96 6.30
CA PRO A 188 -11.06 18.24 6.47
C PRO A 188 -11.66 18.71 5.20
N GLU A 189 -11.01 19.59 4.46
CA GLU A 189 -11.50 20.01 3.17
C GLU A 189 -11.20 19.11 1.97
N GLY A 190 -10.53 17.98 2.16
CA GLY A 190 -10.19 17.16 1.01
C GLY A 190 -9.23 17.78 -0.02
N LYS A 191 -9.44 17.51 -1.30
CA LYS A 191 -8.60 18.07 -2.36
C LYS A 191 -7.34 17.23 -2.46
N ILE A 192 -6.93 16.58 -1.39
CA ILE A 192 -5.78 15.69 -1.52
C ILE A 192 -6.10 14.36 -0.90
N ASP A 193 -5.90 13.27 -1.61
CA ASP A 193 -6.38 12.01 -1.07
C ASP A 193 -6.01 10.82 -1.93
N THR A 194 -6.09 9.60 -1.40
CA THR A 194 -5.95 8.41 -2.26
C THR A 194 -7.31 8.25 -2.98
N CYS A 195 -7.33 7.41 -4.03
CA CYS A 195 -8.56 7.16 -4.85
C CYS A 195 -8.49 5.70 -5.36
N GLN A 196 -9.40 5.28 -6.24
CA GLN A 196 -9.36 3.91 -6.81
C GLN A 196 -8.01 3.63 -7.48
N GLY A 197 -7.42 2.44 -7.30
CA GLY A 197 -6.10 2.14 -7.82
C GLY A 197 -4.99 2.31 -6.80
N ASP A 198 -5.26 3.02 -5.72
CA ASP A 198 -4.24 3.16 -4.68
C ASP A 198 -4.46 2.17 -3.52
N SER A 199 -5.61 1.48 -3.51
CA SER A 199 -5.94 0.49 -2.50
C SER A 199 -4.83 -0.50 -2.38
N GLY A 200 -4.42 -0.83 -1.16
CA GLY A 200 -3.43 -1.84 -1.01
C GLY A 200 -2.04 -1.29 -0.79
N GLY A 201 -1.89 -0.07 -1.25
CA GLY A 201 -0.69 0.73 -1.03
C GLY A 201 -0.51 1.32 0.38
N PRO A 202 0.69 1.88 0.63
CA PRO A 202 1.04 2.33 1.97
C PRO A 202 0.59 3.72 2.33
N LEU A 203 0.40 3.89 3.63
CA LEU A 203 0.29 5.14 4.32
C LEU A 203 1.51 5.05 5.22
N MET A 204 2.41 6.02 5.08
CA MET A 204 3.74 5.87 5.75
C MET A 204 4.07 7.08 6.55
N CYS A 205 4.53 6.88 7.79
CA CYS A 205 4.93 8.00 8.61
C CYS A 205 6.45 7.81 8.98
N LYS A 206 7.20 8.91 9.04
CA LYS A 206 8.65 8.93 9.34
C LYS A 206 8.89 8.78 10.83
N ASP A 207 9.59 7.62 11.06
CA ASP A 207 9.71 7.15 12.43
C ASP A 207 9.75 8.30 13.43
N SER A 208 10.88 8.44 14.13
CA SER A 208 11.01 9.57 15.04
C SER A 208 12.28 9.53 15.87
N ALA A 209 13.41 9.79 15.20
CA ALA A 209 13.33 10.08 13.76
C ALA A 209 14.51 9.54 13.01
N GLU A 210 14.47 8.23 12.75
CA GLU A 210 15.46 7.80 11.78
C GLU A 210 15.11 8.23 10.42
N ASN A 211 15.86 8.09 9.69
CA ASN A 211 15.60 8.41 8.28
C ASN A 211 14.85 7.30 7.60
N SER A 212 14.04 6.53 8.35
CA SER A 212 13.31 5.44 7.70
C SER A 212 11.81 5.54 7.93
N TYR A 213 11.03 5.32 6.89
CA TYR A 213 9.57 5.36 6.95
C TYR A 213 8.93 4.04 7.40
N VAL A 214 7.81 4.19 8.10
CA VAL A 214 7.07 3.05 8.57
C VAL A 214 5.71 2.96 7.86
N VAL A 215 5.23 1.84 7.25
CA VAL A 215 3.93 1.62 6.65
C VAL A 215 3.01 1.35 7.83
N VAL A 216 2.35 2.41 8.25
CA VAL A 216 1.40 2.33 9.36
C VAL A 216 0.03 2.11 8.86
N GLY A 217 -0.20 2.19 7.57
CA GLY A 217 -1.54 1.99 7.05
C GLY A 217 -1.60 1.37 5.67
N ILE A 218 -2.72 0.75 5.38
CA ILE A 218 -2.96 0.19 4.04
C ILE A 218 -4.22 0.82 3.42
N THR A 219 -4.10 1.42 2.23
CA THR A 219 -5.20 2.15 1.62
C THR A 219 -6.38 1.19 1.45
N SER A 220 -7.51 1.55 2.07
CA SER A 220 -8.67 0.67 2.13
C SER A 220 -9.90 1.22 1.39
N TRP A 221 -10.51 2.25 1.96
CA TRP A 221 -11.68 2.83 1.30
C TRP A 221 -11.87 4.29 1.62
N GLY A 222 -12.84 4.89 0.90
CA GLY A 222 -13.32 6.25 1.11
C GLY A 222 -14.69 6.45 0.41
N VAL A 223 -15.38 7.55 0.72
CA VAL A 223 -16.60 7.87 -0.02
C VAL A 223 -16.25 8.94 -1.04
N GLY A 224 -16.36 8.53 -2.42
CA GLY A 224 -15.60 9.30 -3.39
C GLY A 224 -14.10 9.34 -3.12
N CYS A 225 -13.47 10.40 -3.61
CA CYS A 225 -12.06 10.60 -3.38
C CYS A 225 -11.85 12.09 -3.29
N ALA A 226 -11.01 12.55 -2.38
CA ALA A 226 -10.76 13.96 -2.12
C ALA A 226 -11.97 14.84 -1.68
N ARG A 227 -13.03 14.19 -1.22
CA ARG A 227 -14.16 15.01 -0.68
C ARG A 227 -13.95 15.49 0.74
N ALA A 228 -14.50 16.68 1.01
CA ALA A 228 -14.45 17.28 2.34
C ALA A 228 -15.09 16.33 3.35
N LYS A 229 -14.45 16.18 4.48
CA LYS A 229 -14.92 15.29 5.55
C LYS A 229 -15.14 13.85 5.10
N ARG A 230 -14.52 13.44 3.98
CA ARG A 230 -14.53 12.01 3.58
C ARG A 230 -13.08 11.66 3.24
N PRO A 231 -12.25 11.58 4.24
CA PRO A 231 -10.85 11.29 4.03
C PRO A 231 -10.57 9.83 3.72
N GLY A 232 -9.32 9.50 3.46
CA GLY A 232 -8.97 8.12 3.20
C GLY A 232 -9.04 7.32 4.51
N VAL A 233 -9.63 6.15 4.39
CA VAL A 233 -9.73 5.22 5.53
C VAL A 233 -8.75 4.11 5.16
N TYR A 234 -7.84 3.84 6.08
CA TYR A 234 -6.76 2.86 5.92
C TYR A 234 -6.87 1.75 6.97
N THR A 235 -6.27 0.60 6.69
CA THR A 235 -6.16 -0.46 7.67
C THR A 235 -4.87 -0.21 8.46
N SER A 236 -4.96 -0.19 9.79
CA SER A 236 -3.77 -0.01 10.69
C SER A 236 -2.93 -1.27 10.67
N THR A 237 -1.73 -1.22 10.11
CA THR A 237 -0.82 -2.40 10.09
C THR A 237 -0.50 -2.94 11.47
N TRP A 238 -0.26 -2.04 12.44
CA TRP A 238 0.05 -2.37 13.83
C TRP A 238 -0.96 -3.34 14.46
N SER A 239 -2.22 -3.19 14.03
CA SER A 239 -3.32 -4.03 14.51
C SER A 239 -3.18 -5.46 14.00
N TYR A 240 -2.36 -5.70 12.98
CA TYR A 240 -2.25 -7.06 12.42
C TYR A 240 -0.84 -7.68 12.47
N LEU A 241 0.06 -7.13 13.28
CA LEU A 241 1.42 -7.63 13.32
C LEU A 241 1.41 -9.12 13.68
N ASN A 242 0.60 -9.52 14.67
CA ASN A 242 0.58 -10.92 15.04
C ASN A 242 0.07 -11.71 13.92
N TRP A 243 -1.00 -11.22 13.28
CA TRP A 243 -1.52 -11.92 12.09
C TRP A 243 -0.41 -12.04 11.02
N ILE A 244 0.27 -10.94 10.69
CA ILE A 244 1.27 -11.02 9.65
C ILE A 244 2.37 -12.05 10.04
N ALA A 245 2.81 -12.01 11.31
CA ALA A 245 3.88 -12.88 11.80
C ALA A 245 3.47 -14.34 11.67
N SER A 246 2.16 -14.59 11.90
CA SER A 246 1.60 -15.92 11.78
C SER A 246 1.60 -16.47 10.36
N LYS A 247 1.71 -15.61 9.33
CA LYS A 247 1.75 -16.11 7.96
C LYS A 247 3.19 -16.15 7.47
N ILE A 248 4.00 -15.18 7.88
CA ILE A 248 5.36 -15.12 7.38
C ILE A 248 6.52 -15.44 8.41
N GLY A 249 6.23 -15.49 9.71
CA GLY A 249 7.27 -15.79 10.69
C GLY A 249 7.72 -14.55 11.45
N SER A 250 7.82 -14.65 12.78
CA SER A 250 8.22 -13.52 13.58
C SER A 250 9.54 -13.01 13.10
N THR A 251 10.40 -13.92 12.67
CA THR A 251 11.73 -13.50 12.26
C THR A 251 11.62 -12.55 11.08
N ALA A 252 10.78 -12.86 10.09
CA ALA A 252 10.63 -11.94 8.96
C ALA A 252 10.06 -10.60 9.44
N VAL A 253 9.06 -10.64 10.33
CA VAL A 253 8.60 -9.37 10.99
C VAL A 253 9.71 -8.61 11.70
N HIS A 254 10.39 -9.23 12.65
CA HIS A 254 11.44 -8.49 13.32
C HIS A 254 12.39 -7.86 12.32
N MET A 255 12.66 -8.52 11.20
CA MET A 255 13.68 -7.99 10.25
C MET A 255 13.22 -6.65 9.62
N ILE A 256 11.92 -6.37 9.65
CA ILE A 256 11.58 -5.12 9.03
C ILE A 256 11.01 -4.15 10.06
N GLN A 257 11.43 -4.28 11.32
CA GLN A 257 10.99 -3.38 12.34
C GLN A 257 12.25 -2.66 12.75
N LEU A 258 12.15 -1.36 13.04
CA LEU A 258 13.33 -0.58 13.33
C LEU A 258 13.86 -0.94 14.71
N PRO A 259 15.16 -0.79 14.91
CA PRO A 259 15.80 -1.18 16.15
C PRO A 259 15.08 -0.68 17.38
N THR A 260 14.95 -1.57 18.35
CA THR A 260 14.33 -1.20 19.61
C THR A 260 14.87 0.16 20.05
N THR B 3 19.21 -13.00 -0.69
CA THR B 3 19.20 -12.29 0.63
C THR B 3 19.43 -10.77 0.47
N THR B 4 19.26 -10.28 -0.77
CA THR B 4 19.42 -8.86 -1.06
C THR B 4 18.40 -7.98 -0.32
N CYS B 5 17.27 -8.57 0.09
CA CYS B 5 16.19 -7.83 0.72
C CYS B 5 16.21 -7.71 2.27
N ASP B 6 17.31 -8.17 2.88
CA ASP B 6 17.52 -8.09 4.31
C ASP B 6 18.35 -6.85 4.49
N GLY B 7 18.38 -6.34 5.70
CA GLY B 7 19.02 -5.07 5.92
C GLY B 7 18.04 -4.05 6.45
N PRO B 8 18.46 -2.80 6.40
CA PRO B 8 17.67 -1.66 6.91
C PRO B 8 16.38 -1.41 6.11
N CYS B 9 15.23 -1.58 6.77
CA CYS B 9 13.91 -1.40 6.14
C CYS B 9 13.60 0.08 5.96
N GLY B 10 12.65 0.37 5.07
CA GLY B 10 12.04 1.70 4.97
C GLY B 10 12.94 2.79 4.44
N VAL B 11 14.00 2.40 3.74
CA VAL B 11 14.90 3.42 3.23
C VAL B 11 14.59 3.79 1.80
N ARG B 12 14.50 5.09 1.56
CA ARG B 12 14.20 5.63 0.27
C ARG B 12 15.48 5.91 -0.51
N PHE B 13 15.32 6.06 -1.82
CA PHE B 13 16.41 6.43 -2.71
C PHE B 13 17.68 5.59 -2.50
N ARG B 14 17.52 4.28 -2.31
CA ARG B 14 18.65 3.31 -2.19
C ARG B 14 19.73 3.47 -3.26
N GLN B 15 19.41 4.23 -4.29
CA GLN B 15 20.28 4.49 -5.47
C GLN B 15 21.45 5.39 -5.13
N ASN B 16 21.23 6.25 -4.14
CA ASN B 16 22.24 7.18 -3.66
C ASN B 16 22.79 6.77 -2.28
#